data_5JOH
#
_entry.id   5JOH
#
_cell.length_a   102.058
_cell.length_b   102.058
_cell.length_c   68.729
_cell.angle_alpha   90.00
_cell.angle_beta   90.00
_cell.angle_gamma   90.00
#
_symmetry.space_group_name_H-M   'I 4'
#
loop_
_entity.id
_entity.type
_entity.pdbx_description
1 polymer 'COP9 signalosome complex subunit 5'
2 non-polymer 'ZINC ION'
3 non-polymer "2'-chloro-6-[(5S,6S)-6-hydroxy-6,7,8,9-tetrahydro-5H-imidazo[1,5-a]azepin-5-yl][1,1'-biphenyl]-3-carbonitrile"
4 non-polymer (4S)-2-METHYL-2,4-PENTANEDIOL
5 water water
#
_entity_poly.entity_id   1
_entity_poly.type   'polypeptide(L)'
_entity_poly.pdbx_seq_one_letter_code
;GAASGSGMAQKTWELANNMQEAQSIDEIYKYDKKQQQEILAAKPWTKDHHYFKYCKISALALLKMVMHARSGGNLEVMGL
MLGKVDGETMIIMDSFALPVEGTETRVNAQAAAYEYMAAYIENAKQVGRLENAIGWYHSHPGYGCWLSGIDVSTQMLNQQ
FQEPFVAVVIDPTRTISAGKVNLGAFRTYPKGYKPPDEGPSEYQTIPLNKIEDFGVHCKQYYALEVSYFKSSLDRKLLEL
LWNKYWVNTLSSSSLLT
;
_entity_poly.pdbx_strand_id   A
#
loop_
_chem_comp.id
_chem_comp.type
_chem_comp.name
_chem_comp.formula
6M3 non-polymer 2'-chloro-6-[(5S,6S)-6-hydroxy-6,7,8,9-tetrahydro-5H-imidazo[1,5-a]azepin-5-yl][1,1'-biphenyl]-3-carbonitrile 'C21 H18 Cl N3 O'
MPD non-polymer (4S)-2-METHYL-2,4-PENTANEDIOL 'C6 H14 O2'
ZN non-polymer 'ZINC ION' 'Zn 2'
#
# COMPACT_ATOMS: atom_id res chain seq x y z
N SER A 4 -48.67 -15.38 -19.78
CA SER A 4 -49.30 -14.07 -19.63
C SER A 4 -48.43 -13.16 -18.75
N GLY A 5 -47.81 -12.18 -19.38
CA GLY A 5 -46.92 -11.24 -18.72
C GLY A 5 -45.55 -11.83 -18.45
N SER A 6 -45.25 -12.99 -19.08
CA SER A 6 -44.00 -13.74 -18.96
C SER A 6 -42.77 -12.93 -19.42
N GLY A 7 -42.93 -12.18 -20.51
CA GLY A 7 -41.89 -11.34 -21.09
C GLY A 7 -41.58 -10.15 -20.22
N MET A 8 -42.63 -9.48 -19.74
CA MET A 8 -42.54 -8.34 -18.85
C MET A 8 -41.97 -8.76 -17.48
N ALA A 9 -42.27 -9.99 -17.03
CA ALA A 9 -41.77 -10.53 -15.76
C ALA A 9 -40.25 -10.67 -15.80
N GLN A 10 -39.71 -11.17 -16.96
CA GLN A 10 -38.29 -11.35 -17.23
C GLN A 10 -37.51 -10.03 -17.17
N LYS A 11 -38.07 -8.98 -17.77
CA LYS A 11 -37.52 -7.63 -17.82
C LYS A 11 -37.46 -7.07 -16.40
N THR A 12 -38.58 -7.18 -15.64
CA THR A 12 -38.67 -6.72 -14.24
C THR A 12 -37.67 -7.46 -13.36
N TRP A 13 -37.54 -8.78 -13.54
CA TRP A 13 -36.60 -9.63 -12.79
C TRP A 13 -35.15 -9.19 -13.03
N GLU A 14 -34.80 -8.86 -14.31
CA GLU A 14 -33.47 -8.37 -14.70
C GLU A 14 -33.23 -7.02 -14.04
N LEU A 15 -34.24 -6.15 -14.11
CA LEU A 15 -34.20 -4.82 -13.52
C LEU A 15 -34.00 -4.85 -12.00
N ALA A 16 -34.71 -5.77 -11.31
CA ALA A 16 -34.61 -5.96 -9.86
C ALA A 16 -33.20 -6.42 -9.50
N ASN A 17 -32.68 -7.38 -10.28
CA ASN A 17 -31.33 -7.92 -10.12
C ASN A 17 -30.27 -6.82 -10.24
N ASN A 18 -30.41 -5.92 -11.25
CA ASN A 18 -29.50 -4.80 -11.46
C ASN A 18 -29.62 -3.75 -10.36
N MET A 19 -30.88 -3.34 -10.02
CA MET A 19 -31.13 -2.34 -8.96
C MET A 19 -30.60 -2.83 -7.62
N GLN A 20 -30.78 -4.14 -7.29
CA GLN A 20 -30.28 -4.65 -6.02
C GLN A 20 -28.74 -4.71 -5.98
N GLU A 21 -28.06 -5.02 -7.12
CA GLU A 21 -26.59 -5.00 -7.18
C GLU A 21 -26.01 -3.60 -6.84
N ALA A 22 -26.55 -2.53 -7.46
CA ALA A 22 -26.16 -1.14 -7.21
C ALA A 22 -26.30 -0.77 -5.72
N GLN A 23 -27.47 -1.10 -5.14
CA GLN A 23 -27.83 -0.87 -3.75
C GLN A 23 -26.86 -1.62 -2.81
N SER A 24 -26.53 -2.88 -3.16
CA SER A 24 -25.59 -3.73 -2.42
C SER A 24 -24.19 -3.11 -2.45
N ILE A 25 -23.75 -2.64 -3.63
CA ILE A 25 -22.45 -1.98 -3.81
C ILE A 25 -22.37 -0.76 -2.92
N ASP A 26 -23.42 0.10 -2.95
CA ASP A 26 -23.50 1.30 -2.12
C ASP A 26 -23.47 0.99 -0.64
N GLU A 27 -24.20 -0.06 -0.22
CA GLU A 27 -24.24 -0.50 1.18
C GLU A 27 -22.85 -0.97 1.65
N ILE A 28 -22.14 -1.72 0.79
CA ILE A 28 -20.81 -2.26 1.10
C ILE A 28 -19.79 -1.12 1.26
N TYR A 29 -19.83 -0.16 0.33
CA TYR A 29 -18.96 1.02 0.36
C TYR A 29 -19.15 1.78 1.67
N LYS A 30 -20.42 2.04 2.03
CA LYS A 30 -20.81 2.78 3.23
C LYS A 30 -20.40 2.06 4.50
N TYR A 31 -20.56 0.72 4.55
CA TYR A 31 -20.13 -0.11 5.69
C TYR A 31 -18.58 -0.02 5.82
N ASP A 32 -17.85 -0.21 4.71
CA ASP A 32 -16.37 -0.10 4.66
C ASP A 32 -15.89 1.28 5.13
N LYS A 33 -16.53 2.36 4.63
CA LYS A 33 -16.22 3.72 5.01
C LYS A 33 -16.32 3.92 6.53
N LYS A 34 -17.46 3.55 7.14
CA LYS A 34 -17.67 3.69 8.61
C LYS A 34 -16.74 2.77 9.40
N GLN A 35 -16.49 1.57 8.90
CA GLN A 35 -15.55 0.62 9.54
C GLN A 35 -14.10 1.17 9.49
N GLN A 36 -13.75 1.93 8.42
CA GLN A 36 -12.43 2.52 8.24
C GLN A 36 -12.29 3.78 9.13
N GLN A 37 -13.36 4.61 9.18
CA GLN A 37 -13.41 5.81 10.04
C GLN A 37 -13.30 5.43 11.51
N GLU A 38 -13.78 4.19 11.85
CA GLU A 38 -13.71 3.63 13.20
C GLU A 38 -12.26 3.49 13.60
N ILE A 39 -11.51 2.62 12.88
CA ILE A 39 -10.10 2.33 13.17
C ILE A 39 -9.22 3.58 13.06
N LEU A 40 -9.42 4.45 12.05
CA LEU A 40 -8.66 5.70 11.87
C LEU A 40 -8.80 6.68 13.06
N ALA A 41 -9.96 6.70 13.74
CA ALA A 41 -10.22 7.53 14.92
C ALA A 41 -9.68 6.80 16.18
N ALA A 42 -9.71 5.44 16.18
CA ALA A 42 -9.21 4.59 17.27
C ALA A 42 -7.67 4.61 17.35
N LYS A 43 -6.99 4.60 16.18
CA LYS A 43 -5.52 4.61 16.02
C LYS A 43 -4.79 3.49 16.79
N PRO A 44 -5.17 2.18 16.71
CA PRO A 44 -4.47 1.15 17.51
C PRO A 44 -2.95 1.04 17.36
N TRP A 45 -2.45 1.39 16.17
CA TRP A 45 -1.03 1.35 15.77
C TRP A 45 -0.12 2.28 16.61
N THR A 46 -0.72 3.29 17.27
CA THR A 46 -0.01 4.26 18.11
C THR A 46 0.47 3.61 19.43
N LYS A 47 -0.23 2.56 19.91
CA LYS A 47 0.10 1.81 21.14
C LYS A 47 0.95 0.58 20.84
N ASP A 48 0.54 -0.26 19.87
CA ASP A 48 1.31 -1.47 19.50
C ASP A 48 2.33 -1.09 18.42
N HIS A 49 3.59 -1.56 18.59
CA HIS A 49 4.69 -1.25 17.69
C HIS A 49 4.98 -2.36 16.67
N HIS A 50 4.28 -3.49 16.81
CA HIS A 50 4.31 -4.63 15.91
C HIS A 50 2.86 -4.95 15.48
N TYR A 51 1.99 -3.91 15.47
CA TYR A 51 0.57 -3.99 15.14
C TYR A 51 0.35 -4.68 13.79
N PHE A 52 0.73 -3.99 12.70
CA PHE A 52 0.64 -4.52 11.34
C PHE A 52 1.65 -5.62 11.11
N LYS A 53 1.21 -6.71 10.48
CA LYS A 53 2.05 -7.87 10.20
C LYS A 53 1.95 -8.34 8.74
N TYR A 54 0.87 -7.97 8.03
CA TYR A 54 0.63 -8.39 6.65
C TYR A 54 0.43 -7.20 5.73
N CYS A 55 0.82 -7.38 4.47
CA CYS A 55 0.66 -6.41 3.39
C CYS A 55 0.15 -7.15 2.14
N LYS A 56 -1.11 -6.89 1.73
CA LYS A 56 -1.77 -7.49 0.57
C LYS A 56 -1.69 -6.47 -0.56
N ILE A 57 -1.04 -6.82 -1.68
CA ILE A 57 -0.86 -5.90 -2.82
C ILE A 57 -1.63 -6.36 -4.06
N SER A 58 -2.42 -5.46 -4.64
CA SER A 58 -3.18 -5.78 -5.84
C SER A 58 -2.21 -5.92 -7.04
N ALA A 59 -2.56 -6.77 -8.02
CA ALA A 59 -1.75 -7.02 -9.22
C ALA A 59 -1.69 -5.74 -10.06
N LEU A 60 -2.71 -4.88 -9.97
CA LEU A 60 -2.73 -3.60 -10.68
C LEU A 60 -1.68 -2.64 -10.10
N ALA A 61 -1.59 -2.56 -8.76
CA ALA A 61 -0.64 -1.70 -8.04
C ALA A 61 0.81 -2.16 -8.28
N LEU A 62 1.04 -3.49 -8.24
CA LEU A 62 2.33 -4.11 -8.53
C LEU A 62 2.78 -3.83 -9.96
N LEU A 63 1.88 -3.97 -10.95
CA LEU A 63 2.11 -3.76 -12.39
C LEU A 63 2.65 -2.32 -12.58
N LYS A 64 1.91 -1.33 -12.08
CA LYS A 64 2.21 0.10 -12.15
C LYS A 64 3.53 0.47 -11.43
N MET A 65 3.75 -0.11 -10.24
CA MET A 65 4.97 0.14 -9.45
C MET A 65 6.20 -0.43 -10.15
N VAL A 66 6.08 -1.65 -10.69
CA VAL A 66 7.18 -2.33 -11.37
C VAL A 66 7.50 -1.60 -12.69
N MET A 67 6.46 -1.14 -13.39
CA MET A 67 6.60 -0.39 -14.65
C MET A 67 7.34 0.90 -14.39
N HIS A 68 6.92 1.66 -13.33
CA HIS A 68 7.57 2.89 -12.93
C HIS A 68 9.03 2.64 -12.54
N ALA A 69 9.28 1.61 -11.71
CA ALA A 69 10.61 1.23 -11.25
C ALA A 69 11.56 0.94 -12.42
N ARG A 70 11.08 0.18 -13.42
CA ARG A 70 11.85 -0.19 -14.61
C ARG A 70 12.22 1.03 -15.43
N SER A 71 11.28 1.96 -15.59
CA SER A 71 11.43 3.21 -16.36
C SER A 71 12.59 4.11 -15.91
N GLY A 72 12.98 4.04 -14.63
CA GLY A 72 14.11 4.84 -14.12
C GLY A 72 15.47 4.22 -14.39
N GLY A 73 15.48 2.97 -14.86
CA GLY A 73 16.70 2.20 -15.10
C GLY A 73 17.56 2.03 -13.86
N ASN A 74 18.74 2.63 -13.90
CA ASN A 74 19.75 2.60 -12.82
C ASN A 74 19.42 3.62 -11.70
N LEU A 75 18.53 4.58 -12.01
CA LEU A 75 18.09 5.60 -11.08
C LEU A 75 16.83 5.24 -10.28
N GLU A 76 16.84 5.64 -8.99
CA GLU A 76 15.74 5.44 -8.04
C GLU A 76 14.53 6.24 -8.47
N VAL A 77 13.36 5.70 -8.15
CA VAL A 77 12.08 6.27 -8.51
C VAL A 77 11.16 6.13 -7.29
N MET A 78 10.15 6.99 -7.18
CA MET A 78 9.23 6.88 -6.04
C MET A 78 7.81 7.30 -6.39
N GLY A 79 6.88 6.88 -5.57
CA GLY A 79 5.49 7.27 -5.81
C GLY A 79 4.61 6.95 -4.64
N LEU A 80 3.30 7.16 -4.82
CA LEU A 80 2.42 6.93 -3.70
C LEU A 80 1.49 5.73 -3.91
N MET A 81 1.07 5.14 -2.79
CA MET A 81 0.20 3.99 -2.79
C MET A 81 -1.20 4.31 -2.17
N LEU A 82 -2.28 3.78 -2.78
CA LEU A 82 -3.69 3.93 -2.33
C LEU A 82 -4.15 2.55 -1.81
N GLY A 83 -4.89 2.57 -0.72
CA GLY A 83 -5.39 1.36 -0.10
C GLY A 83 -6.12 1.65 1.19
N LYS A 84 -6.07 0.69 2.10
CA LYS A 84 -6.75 0.80 3.38
C LYS A 84 -6.19 -0.24 4.36
N VAL A 85 -6.65 -0.15 5.62
CA VAL A 85 -6.32 -1.04 6.73
C VAL A 85 -7.42 -2.12 6.93
N ASP A 86 -7.03 -3.34 7.32
CA ASP A 86 -7.91 -4.47 7.59
C ASP A 86 -7.29 -5.26 8.73
N GLY A 87 -7.51 -4.79 9.96
CA GLY A 87 -6.91 -5.38 11.15
C GLY A 87 -5.42 -5.12 11.11
N GLU A 88 -4.62 -6.19 11.21
CA GLU A 88 -3.15 -6.12 11.17
C GLU A 88 -2.62 -6.18 9.70
N THR A 89 -3.49 -5.92 8.69
CA THR A 89 -3.05 -5.97 7.30
C THR A 89 -3.22 -4.64 6.61
N MET A 90 -2.18 -4.25 5.85
CA MET A 90 -2.17 -3.04 5.04
C MET A 90 -2.47 -3.53 3.63
N ILE A 91 -3.54 -3.02 3.01
CA ILE A 91 -3.98 -3.41 1.68
C ILE A 91 -3.62 -2.32 0.73
N ILE A 92 -2.92 -2.66 -0.35
CA ILE A 92 -2.55 -1.71 -1.38
C ILE A 92 -3.38 -2.10 -2.58
N MET A 93 -4.16 -1.16 -3.07
CA MET A 93 -5.10 -1.37 -4.15
C MET A 93 -4.63 -0.71 -5.43
N ASP A 94 -3.97 0.44 -5.31
CA ASP A 94 -3.54 1.21 -6.46
C ASP A 94 -2.31 2.05 -6.08
N SER A 95 -1.68 2.67 -7.10
CA SER A 95 -0.49 3.52 -6.92
C SER A 95 -0.36 4.55 -8.03
N PHE A 96 0.36 5.63 -7.77
CA PHE A 96 0.68 6.60 -8.81
C PHE A 96 2.13 7.07 -8.63
N ALA A 97 2.78 7.41 -9.74
CA ALA A 97 4.16 7.88 -9.79
C ALA A 97 4.26 9.28 -9.24
N LEU A 98 5.44 9.62 -8.69
CA LEU A 98 5.74 10.99 -8.24
C LEU A 98 6.85 11.56 -9.12
N PRO A 99 6.73 12.81 -9.62
CA PRO A 99 5.67 13.81 -9.38
C PRO A 99 4.46 13.71 -10.31
N VAL A 107 9.17 24.16 -8.94
CA VAL A 107 8.42 23.43 -7.92
C VAL A 107 7.97 24.38 -6.81
N ASN A 108 6.71 24.86 -6.89
CA ASN A 108 6.11 25.77 -5.91
C ASN A 108 5.73 25.02 -4.63
N ALA A 109 4.95 23.91 -4.78
CA ALA A 109 4.47 23.03 -3.72
C ALA A 109 4.01 21.70 -4.34
N GLN A 110 3.92 20.64 -3.51
CA GLN A 110 3.45 19.31 -3.94
C GLN A 110 1.91 19.20 -3.90
N ALA A 111 1.23 20.28 -4.37
CA ALA A 111 -0.22 20.39 -4.47
C ALA A 111 -0.76 19.39 -5.49
N ALA A 112 0.09 18.98 -6.46
CA ALA A 112 -0.22 18.00 -7.49
C ALA A 112 -0.36 16.59 -6.88
N ALA A 113 0.57 16.23 -5.96
CA ALA A 113 0.57 14.96 -5.23
C ALA A 113 -0.66 14.84 -4.32
N TYR A 114 -1.18 16.00 -3.87
CA TYR A 114 -2.38 16.09 -3.05
C TYR A 114 -3.66 16.04 -3.90
N GLU A 115 -3.72 16.76 -5.06
CA GLU A 115 -4.88 16.78 -5.98
C GLU A 115 -5.00 15.53 -6.87
N TYR A 116 -3.92 14.72 -6.96
CA TYR A 116 -3.93 13.47 -7.74
C TYR A 116 -4.62 12.43 -6.85
N MET A 117 -4.19 12.39 -5.58
CA MET A 117 -4.65 11.55 -4.48
C MET A 117 -6.19 11.63 -4.34
N ALA A 118 -6.74 12.86 -4.35
CA ALA A 118 -8.18 13.11 -4.25
C ALA A 118 -8.99 12.57 -5.43
N ALA A 119 -8.44 12.65 -6.66
CA ALA A 119 -9.08 12.17 -7.90
C ALA A 119 -9.08 10.64 -7.98
N TYR A 120 -8.06 9.97 -7.39
CA TYR A 120 -7.96 8.50 -7.36
C TYR A 120 -9.03 7.94 -6.42
N ILE A 121 -9.14 8.55 -5.21
CA ILE A 121 -10.13 8.22 -4.18
C ILE A 121 -11.53 8.36 -4.80
N GLU A 122 -11.77 9.49 -5.49
CA GLU A 122 -13.04 9.79 -6.16
C GLU A 122 -13.36 8.83 -7.28
N ASN A 123 -12.37 8.48 -8.14
CA ASN A 123 -12.58 7.54 -9.23
C ASN A 123 -12.95 6.18 -8.67
N ALA A 124 -12.26 5.73 -7.60
CA ALA A 124 -12.52 4.47 -6.92
C ALA A 124 -13.91 4.46 -6.25
N LYS A 125 -14.33 5.62 -5.68
CA LYS A 125 -15.65 5.77 -5.04
C LYS A 125 -16.78 5.41 -6.02
N GLN A 126 -16.68 5.88 -7.28
CA GLN A 126 -17.63 5.60 -8.36
C GLN A 126 -17.90 4.11 -8.53
N VAL A 127 -16.84 3.27 -8.59
CA VAL A 127 -16.99 1.81 -8.70
C VAL A 127 -17.28 1.16 -7.34
N GLY A 128 -17.54 1.97 -6.31
CA GLY A 128 -17.85 1.50 -4.96
C GLY A 128 -16.67 0.95 -4.19
N ARG A 129 -15.45 1.46 -4.47
CA ARG A 129 -14.21 1.06 -3.80
C ARG A 129 -13.78 2.10 -2.80
N LEU A 130 -13.50 1.66 -1.58
CA LEU A 130 -13.04 2.52 -0.50
C LEU A 130 -11.49 2.43 -0.48
N GLU A 131 -10.82 3.56 -0.73
CA GLU A 131 -9.35 3.65 -0.69
C GLU A 131 -8.89 5.04 -0.33
N ASN A 132 -7.73 5.12 0.29
CA ASN A 132 -7.10 6.38 0.68
C ASN A 132 -5.57 6.14 0.66
N ALA A 133 -4.78 7.19 0.88
CA ALA A 133 -3.30 7.12 0.95
C ALA A 133 -2.90 6.13 2.00
N ILE A 134 -2.18 5.06 1.64
CA ILE A 134 -1.78 4.04 2.64
C ILE A 134 -0.22 3.97 2.84
N GLY A 135 0.52 4.57 1.92
CA GLY A 135 1.98 4.52 1.97
C GLY A 135 2.66 5.11 0.78
N TRP A 136 3.99 4.88 0.72
CA TRP A 136 4.87 5.29 -0.38
C TRP A 136 5.70 4.11 -0.85
N TYR A 137 6.05 4.13 -2.14
CA TYR A 137 6.92 3.11 -2.71
C TYR A 137 8.11 3.79 -3.36
N HIS A 138 9.21 3.05 -3.51
CA HIS A 138 10.41 3.52 -4.17
C HIS A 138 11.29 2.34 -4.55
N SER A 139 12.18 2.58 -5.52
CA SER A 139 13.05 1.55 -6.06
C SER A 139 14.53 1.66 -5.58
N HIS A 140 15.20 0.48 -5.49
CA HIS A 140 16.63 0.29 -5.18
C HIS A 140 17.18 -0.50 -6.39
N PRO A 141 17.41 0.15 -7.56
CA PRO A 141 17.83 -0.63 -8.74
C PRO A 141 19.16 -1.35 -8.55
N GLY A 142 19.08 -2.65 -8.30
CA GLY A 142 20.23 -3.53 -8.15
C GLY A 142 20.72 -3.86 -6.75
N TYR A 143 20.28 -3.12 -5.70
CA TYR A 143 20.84 -3.42 -4.36
C TYR A 143 19.89 -4.10 -3.34
N GLY A 144 18.65 -4.40 -3.72
CA GLY A 144 17.76 -5.13 -2.80
C GLY A 144 16.73 -4.30 -2.05
N CYS A 145 15.87 -4.99 -1.31
CA CYS A 145 14.74 -4.41 -0.59
C CYS A 145 14.99 -4.32 0.88
N TRP A 146 15.18 -3.10 1.33
CA TRP A 146 15.50 -2.74 2.72
C TRP A 146 15.39 -1.23 2.80
N LEU A 147 15.60 -0.64 4.00
CA LEU A 147 15.53 0.80 4.15
C LEU A 147 16.88 1.37 4.51
N SER A 148 17.31 2.35 3.75
CA SER A 148 18.54 3.05 4.02
C SER A 148 18.30 3.91 5.29
N GLY A 149 19.38 4.42 5.88
CA GLY A 149 19.31 5.32 7.02
C GLY A 149 18.37 6.48 6.75
N ILE A 150 18.46 7.11 5.55
CA ILE A 150 17.58 8.21 5.09
C ILE A 150 16.11 7.72 5.00
N ASP A 151 15.92 6.44 4.62
CA ASP A 151 14.59 5.84 4.47
C ASP A 151 13.94 5.65 5.82
N VAL A 152 14.75 5.22 6.83
CA VAL A 152 14.32 4.96 8.21
C VAL A 152 13.91 6.28 8.86
N SER A 153 14.70 7.34 8.67
CA SER A 153 14.33 8.65 9.18
C SER A 153 13.03 9.12 8.52
N THR A 154 12.89 8.88 7.18
CA THR A 154 11.68 9.24 6.43
C THR A 154 10.45 8.47 6.94
N GLN A 155 10.57 7.15 7.08
CA GLN A 155 9.46 6.29 7.50
C GLN A 155 9.06 6.52 8.98
N MET A 156 10.01 6.94 9.86
CA MET A 156 9.71 7.24 11.27
C MET A 156 8.82 8.49 11.34
N LEU A 157 9.14 9.49 10.51
CA LEU A 157 8.38 10.72 10.39
C LEU A 157 7.00 10.47 9.78
N ASN A 158 6.95 9.56 8.77
CA ASN A 158 5.72 9.13 8.10
C ASN A 158 4.83 8.43 9.13
N GLN A 159 5.39 7.56 9.97
CA GLN A 159 4.60 6.86 10.99
C GLN A 159 4.26 7.75 12.22
N GLN A 160 4.38 9.07 12.06
CA GLN A 160 4.04 10.11 13.03
C GLN A 160 2.99 10.98 12.39
N PHE A 161 3.34 11.66 11.27
CA PHE A 161 2.48 12.60 10.56
C PHE A 161 1.53 11.98 9.51
N GLN A 162 1.91 10.86 8.86
CA GLN A 162 1.08 10.27 7.79
C GLN A 162 0.36 8.99 8.19
N GLU A 163 0.53 8.55 9.42
CA GLU A 163 0.02 7.30 9.98
C GLU A 163 -1.48 7.03 9.70
N PRO A 164 -1.93 5.78 9.36
CA PRO A 164 -1.13 4.58 9.05
C PRO A 164 -0.45 4.70 7.66
N PHE A 165 0.86 4.41 7.59
CA PHE A 165 1.67 4.54 6.37
C PHE A 165 2.67 3.43 6.29
N VAL A 166 2.75 2.76 5.13
CA VAL A 166 3.70 1.67 4.89
C VAL A 166 4.79 2.14 3.87
N ALA A 167 5.97 1.54 3.94
CA ALA A 167 7.09 1.81 3.02
C ALA A 167 7.37 0.55 2.15
N VAL A 168 7.03 0.64 0.86
CA VAL A 168 7.33 -0.45 -0.07
C VAL A 168 8.65 -0.12 -0.83
N VAL A 169 9.52 -1.13 -0.96
CA VAL A 169 10.80 -1.02 -1.71
C VAL A 169 10.78 -2.13 -2.77
N ILE A 170 11.01 -1.75 -4.04
CA ILE A 170 11.08 -2.65 -5.22
C ILE A 170 12.48 -2.61 -5.84
N ASP A 171 13.05 -3.79 -6.18
CA ASP A 171 14.32 -3.89 -6.90
C ASP A 171 13.90 -4.44 -8.29
N PRO A 172 13.81 -3.54 -9.29
CA PRO A 172 13.32 -3.95 -10.63
C PRO A 172 14.35 -4.71 -11.51
N THR A 173 15.60 -4.82 -11.04
CA THR A 173 16.69 -5.46 -11.79
C THR A 173 16.79 -6.96 -11.53
N ARG A 174 16.86 -7.37 -10.23
CA ARG A 174 16.92 -8.80 -9.87
C ARG A 174 15.53 -9.40 -9.67
N LYS A 180 13.64 -12.94 -8.10
CA LYS A 180 12.54 -12.76 -9.05
C LYS A 180 11.61 -11.61 -8.53
N VAL A 181 10.50 -11.94 -7.81
CA VAL A 181 9.61 -10.92 -7.22
C VAL A 181 10.30 -10.34 -5.99
N ASN A 182 11.06 -9.27 -6.25
CA ASN A 182 11.90 -8.52 -5.32
C ASN A 182 11.21 -7.25 -4.80
N LEU A 183 10.29 -7.43 -3.87
CA LEU A 183 9.55 -6.36 -3.23
C LEU A 183 9.54 -6.59 -1.71
N GLY A 184 9.70 -5.52 -0.94
CA GLY A 184 9.63 -5.53 0.53
C GLY A 184 8.63 -4.49 1.00
N ALA A 185 7.91 -4.80 2.08
CA ALA A 185 6.93 -3.91 2.71
C ALA A 185 7.43 -3.74 4.14
N PHE A 186 7.66 -2.49 4.57
CA PHE A 186 8.24 -2.26 5.90
C PHE A 186 7.58 -1.19 6.74
N ARG A 187 7.76 -1.35 8.06
CA ARG A 187 7.28 -0.45 9.11
C ARG A 187 8.43 -0.17 10.04
N THR A 188 8.74 1.11 10.24
CA THR A 188 9.77 1.50 11.18
C THR A 188 9.27 1.36 12.62
N TYR A 189 10.19 1.12 13.57
CA TYR A 189 9.88 1.09 15.00
C TYR A 189 10.08 2.51 15.49
N PRO A 190 9.41 2.96 16.58
CA PRO A 190 9.63 4.35 17.04
C PRO A 190 11.01 4.58 17.68
N LYS A 191 11.53 5.83 17.60
CA LYS A 191 12.83 6.23 18.16
C LYS A 191 12.99 5.80 19.62
N GLY A 192 13.98 4.95 19.86
CA GLY A 192 14.28 4.41 21.18
C GLY A 192 13.67 3.05 21.45
N TYR A 193 12.79 2.54 20.56
CA TYR A 193 12.15 1.24 20.78
C TYR A 193 13.09 0.07 20.49
N LYS A 194 13.43 -0.67 21.54
CA LYS A 194 14.28 -1.84 21.43
C LYS A 194 13.41 -3.12 21.45
N PRO A 195 13.28 -3.81 20.28
CA PRO A 195 12.44 -5.02 20.22
C PRO A 195 13.23 -6.33 20.45
N PRO A 196 12.57 -7.44 20.83
CA PRO A 196 13.34 -8.68 21.04
C PRO A 196 13.49 -9.50 19.76
N ASP A 197 13.87 -10.79 19.92
CA ASP A 197 14.04 -11.84 18.90
C ASP A 197 14.99 -11.49 17.74
N GLU A 198 15.12 -12.41 16.75
CA GLU A 198 15.95 -12.30 15.55
C GLU A 198 15.06 -12.23 14.31
N GLY A 199 15.45 -11.41 13.35
CA GLY A 199 14.71 -11.24 12.10
C GLY A 199 15.52 -11.24 10.82
N PRO A 200 16.49 -12.18 10.58
CA PRO A 200 17.20 -12.17 9.28
C PRO A 200 16.32 -12.64 8.11
N SER A 201 15.31 -13.51 8.43
CA SER A 201 14.33 -14.10 7.51
C SER A 201 14.99 -14.59 6.20
N GLU A 202 14.57 -14.05 5.05
CA GLU A 202 15.12 -14.38 3.75
C GLU A 202 16.48 -13.68 3.60
N TYR A 203 17.49 -14.42 3.12
CA TYR A 203 18.84 -13.87 2.88
C TYR A 203 18.80 -13.00 1.60
N GLN A 204 19.52 -11.87 1.61
CA GLN A 204 19.60 -10.99 0.46
C GLN A 204 21.04 -10.54 0.20
N THR A 205 21.48 -10.68 -1.06
CA THR A 205 22.81 -10.27 -1.52
C THR A 205 22.77 -8.78 -1.88
N ILE A 206 23.35 -7.96 -0.99
CA ILE A 206 23.42 -6.51 -1.20
C ILE A 206 24.91 -6.10 -1.40
N PRO A 207 25.24 -5.04 -2.18
CA PRO A 207 26.66 -4.69 -2.39
C PRO A 207 27.46 -4.41 -1.11
N LEU A 208 28.82 -4.41 -1.25
CA LEU A 208 29.73 -4.17 -0.14
C LEU A 208 29.67 -2.71 0.31
N ASN A 209 29.42 -1.80 -0.65
CA ASN A 209 29.34 -0.35 -0.46
C ASN A 209 27.97 0.14 0.13
N LYS A 210 27.08 -0.82 0.53
CA LYS A 210 25.74 -0.56 1.11
C LYS A 210 25.56 -1.36 2.42
N ILE A 211 26.34 -2.45 2.64
CA ILE A 211 26.20 -3.37 3.78
C ILE A 211 26.33 -2.67 5.15
N GLU A 212 27.12 -1.59 5.25
CA GLU A 212 27.27 -0.88 6.51
C GLU A 212 25.94 -0.17 6.84
N ASP A 213 25.43 0.66 5.88
CA ASP A 213 24.17 1.38 5.99
C ASP A 213 23.03 0.39 6.25
N PHE A 214 23.08 -0.79 5.61
CA PHE A 214 22.09 -1.82 5.82
C PHE A 214 22.10 -2.33 7.27
N GLY A 215 23.13 -3.10 7.65
CA GLY A 215 23.33 -3.71 8.97
C GLY A 215 23.09 -2.82 10.18
N VAL A 216 23.51 -1.55 10.10
CA VAL A 216 23.36 -0.55 11.16
C VAL A 216 21.87 -0.31 11.49
N HIS A 217 21.09 0.06 10.46
CA HIS A 217 19.70 0.43 10.54
C HIS A 217 18.71 -0.73 10.43
N CYS A 218 19.20 -1.96 10.13
CA CYS A 218 18.35 -3.14 9.89
C CYS A 218 17.50 -3.59 11.10
N LYS A 219 17.70 -2.96 12.27
CA LYS A 219 16.92 -3.29 13.48
C LYS A 219 15.92 -2.19 13.87
N GLN A 220 16.02 -1.00 13.24
CA GLN A 220 15.14 0.16 13.44
C GLN A 220 13.77 0.05 12.71
N TYR A 221 13.49 -1.12 12.08
CA TYR A 221 12.26 -1.41 11.32
C TYR A 221 12.09 -2.91 11.18
N TYR A 222 10.96 -3.33 10.62
CA TYR A 222 10.67 -4.74 10.38
C TYR A 222 9.96 -4.94 9.05
N ALA A 223 9.96 -6.19 8.58
CA ALA A 223 9.30 -6.56 7.33
C ALA A 223 7.92 -7.15 7.56
N LEU A 224 6.95 -6.75 6.70
CA LEU A 224 5.59 -7.27 6.67
C LEU A 224 5.56 -8.47 5.74
N GLU A 225 4.62 -9.40 5.97
CA GLU A 225 4.45 -10.62 5.18
C GLU A 225 3.64 -10.27 3.94
N VAL A 226 4.34 -10.09 2.81
CA VAL A 226 3.71 -9.69 1.55
C VAL A 226 2.97 -10.83 0.89
N SER A 227 1.76 -10.52 0.43
CA SER A 227 0.83 -11.38 -0.28
C SER A 227 0.31 -10.54 -1.46
N TYR A 228 -0.19 -11.21 -2.52
CA TYR A 228 -0.67 -10.57 -3.73
C TYR A 228 -2.03 -11.05 -4.11
N PHE A 229 -2.91 -10.15 -4.63
CA PHE A 229 -4.28 -10.49 -5.03
C PHE A 229 -4.73 -9.80 -6.32
N LYS A 230 -5.63 -10.45 -7.07
CA LYS A 230 -6.23 -9.87 -8.26
C LYS A 230 -7.71 -9.65 -7.94
N SER A 231 -8.14 -8.39 -8.05
CA SER A 231 -9.52 -8.00 -7.74
C SER A 231 -10.40 -8.26 -8.97
N SER A 232 -11.74 -8.17 -8.79
CA SER A 232 -12.73 -8.33 -9.86
C SER A 232 -12.56 -7.23 -10.92
N LEU A 233 -12.22 -6.01 -10.47
CA LEU A 233 -11.99 -4.80 -11.27
C LEU A 233 -10.56 -4.80 -11.89
N ASP A 234 -9.60 -5.49 -11.22
CA ASP A 234 -8.19 -5.59 -11.65
C ASP A 234 -7.95 -6.75 -12.65
N ARG A 235 -9.02 -7.23 -13.32
CA ARG A 235 -8.97 -8.30 -14.32
C ARG A 235 -8.88 -7.80 -15.77
N LYS A 236 -9.13 -6.48 -15.97
CA LYS A 236 -9.06 -5.78 -17.27
C LYS A 236 -7.75 -5.02 -17.42
ZN ZN B . 15.68 3.49 -0.18
C1 6M3 C . 17.60 6.29 -2.30
C3 6M3 C . 15.93 6.29 -0.97
C11 6M3 C . 12.99 9.95 -1.19
C12 6M3 C . 14.12 9.47 -1.86
C13 6M3 C . 14.20 9.63 -3.36
C14 6M3 C . 11.69 10.47 0.81
C16 6M3 C . 13.87 8.55 -4.20
C17 6M3 C . 13.85 8.66 -5.61
C18 6M3 C . 14.07 9.93 -6.18
C19 6M3 C . 14.30 11.04 -5.33
C20 6M3 C . 14.34 10.91 -3.92
C21 6M3 C . 18.73 6.75 -3.22
C22 6M3 C . 19.64 7.85 -2.62
C23 6M3 C . 18.94 9.24 -2.47
C24 6M3 C . 17.81 9.34 -1.38
N2 6M3 C . 16.70 7.07 -1.71
N4 6M3 C . 16.25 5.09 -1.05
C5 6M3 C . 17.42 5.00 -1.92
C6 6M3 C . 16.54 8.54 -1.83
C7 6M3 C . 15.25 9.08 -1.12
C8 6M3 C . 15.15 9.11 0.32
C9 6M3 C . 13.99 9.59 0.97
C10 6M3 C . 12.91 10.02 0.19
N15 6M3 C . 10.72 10.82 1.31
O25 6M3 C . 18.25 8.76 -0.12
CL1 6M3 C . 13.71 6.98 -3.52
C1 MPD D . 7.48 11.98 2.92
C2 MPD D . 6.72 11.27 1.80
O2 MPD D . 7.54 10.15 1.40
CM MPD D . 5.42 10.66 2.32
C3 MPD D . 6.45 12.23 0.58
C4 MPD D . 5.21 13.21 0.66
O4 MPD D . 5.32 14.12 1.77
C5 MPD D . 5.02 13.98 -0.62
#